data_2PR3
#
_entry.id   2PR3
#
_cell.length_a   56.485
_cell.length_b   72.354
_cell.length_c   77.880
_cell.angle_alpha   90.00
_cell.angle_beta   90.00
_cell.angle_gamma   90.00
#
_symmetry.space_group_name_H-M   'P 21 21 21'
#
loop_
_entity.id
_entity.type
_entity.pdbx_description
1 polymer 'COAGULATION FACTOR X, HEAVY CHAIN'
2 polymer 'COAGULATION FACTOR X, LIGHT CHAIN'
3 non-polymer 'CALCIUM ION'
4 non-polymer "(2R,4R)-N~1~-(4-CHLOROPHENYL)-N~2~-[3-FLUORO-2'-(METHYLSULFONYL)BIPHENYL-4-YL]-4-METHOXYPYRROLIDINE-1,2-DICARBOXAMIDE"
5 water water
#
loop_
_entity_poly.entity_id
_entity_poly.type
_entity_poly.pdbx_seq_one_letter_code
_entity_poly.pdbx_strand_id
1 'polypeptide(L)'
;IVGGQECKDGECPWQALLINEENEGFCGGTILSEFYILTAAHCLYQAKRFKVRVGDRNTEQEEGGEAVHEVEVVIKHNRF
TKETYDFDIAVLRLKTPITFRMNVAPACLPERDWAESTLMTQKTGIVSGFGRTHEKGRQSTRLKMLEVPYVDRNSCKLSS
SFIITQNMFCAGYDTKQEDACQGDSGGPHVTRFKDTYFVTGIVSWGEGCARKGKYGIYTKVTAFLKWIDRSMKT
;
A
2 'polypeptide(L)' LCSLDNGDCDQFCHEEQNSVVCSCARGYTLADNGKACIPTGPYPCGKQTLE B
#
loop_
_chem_comp.id
_chem_comp.type
_chem_comp.name
_chem_comp.formula
237 non-polymer (2R,4R)-N~1~-(4-CHLOROPHENYL)-N~2~-[3-FLUORO-2'-(METHYLSULFONYL)BIPHENYL-4-YL]-4-METHOXYPYRROLIDINE-1,2-DICARBOXAMIDE 'C26 H25 Cl F N3 O5 S'
CA non-polymer 'CALCIUM ION' 'Ca 2'
#
# COMPACT_ATOMS: atom_id res chain seq x y z
N ILE A 1 4.26 -5.14 12.31
CA ILE A 1 3.52 -3.97 12.87
C ILE A 1 3.60 -3.94 14.39
N VAL A 2 4.10 -2.82 14.93
CA VAL A 2 4.23 -2.64 16.37
C VAL A 2 2.98 -1.91 16.83
N GLY A 3 2.22 -2.53 17.73
CA GLY A 3 0.99 -1.92 18.18
C GLY A 3 -0.06 -2.22 17.13
N GLY A 4 -1.01 -1.31 16.94
CA GLY A 4 -2.05 -1.54 15.96
C GLY A 4 -3.04 -2.62 16.37
N GLN A 5 -3.75 -3.14 15.38
CA GLN A 5 -4.74 -4.17 15.63
C GLN A 5 -4.69 -5.26 14.55
N GLU A 6 -5.32 -6.39 14.84
CA GLU A 6 -5.35 -7.50 13.91
C GLU A 6 -6.34 -7.18 12.77
N CYS A 7 -5.95 -7.46 11.53
CA CYS A 7 -6.85 -7.19 10.40
C CYS A 7 -7.94 -8.25 10.53
N LYS A 8 -9.19 -7.81 10.68
CA LYS A 8 -10.28 -8.77 10.81
C LYS A 8 -10.72 -9.21 9.41
N ASP A 9 -11.56 -10.24 9.37
CA ASP A 9 -12.04 -10.78 8.10
C ASP A 9 -12.46 -9.71 7.10
N GLY A 10 -11.78 -9.70 5.96
CA GLY A 10 -12.08 -8.76 4.89
C GLY A 10 -11.61 -7.31 5.03
N GLU A 11 -10.94 -6.97 6.13
CA GLU A 11 -10.49 -5.60 6.34
C GLU A 11 -9.24 -5.13 5.58
N CYS A 12 -8.35 -6.06 5.22
CA CYS A 12 -7.12 -5.69 4.50
C CYS A 12 -6.98 -6.65 3.31
N PRO A 13 -7.99 -6.67 2.40
CA PRO A 13 -7.93 -7.56 1.24
C PRO A 13 -6.86 -7.36 0.18
N TRP A 14 -6.24 -6.18 0.18
CA TRP A 14 -5.19 -5.87 -0.79
C TRP A 14 -3.80 -6.29 -0.33
N GLN A 15 -3.70 -6.84 0.88
CA GLN A 15 -2.41 -7.27 1.38
C GLN A 15 -1.90 -8.51 0.69
N ALA A 16 -0.63 -8.48 0.28
CA ALA A 16 -0.02 -9.62 -0.38
C ALA A 16 1.21 -9.94 0.48
N LEU A 17 1.65 -11.19 0.44
CA LEU A 17 2.81 -11.61 1.21
C LEU A 17 3.82 -12.30 0.30
N LEU A 18 5.06 -11.83 0.33
CA LEU A 18 6.09 -12.44 -0.50
C LEU A 18 6.68 -13.57 0.34
N ILE A 19 6.71 -14.77 -0.23
CA ILE A 19 7.24 -15.92 0.49
C ILE A 19 8.44 -16.54 -0.23
N ASN A 20 9.44 -16.95 0.56
CA ASN A 20 10.65 -17.55 0.00
C ASN A 20 10.47 -19.05 -0.27
N GLU A 21 11.59 -19.75 -0.49
CA GLU A 21 11.57 -21.18 -0.76
C GLU A 21 10.99 -21.99 0.39
N GLU A 22 11.18 -21.50 1.61
CA GLU A 22 10.69 -22.16 2.81
C GLU A 22 9.23 -21.79 3.03
N ASN A 23 8.65 -21.07 2.08
CA ASN A 23 7.26 -20.65 2.17
C ASN A 23 7.07 -19.74 3.38
N GLU A 24 8.13 -19.00 3.72
CA GLU A 24 8.12 -18.09 4.84
C GLU A 24 8.01 -16.65 4.32
N GLY A 25 7.15 -15.85 4.96
CA GLY A 25 6.99 -14.47 4.55
C GLY A 25 8.20 -13.63 4.92
N PHE A 26 8.59 -12.72 4.04
CA PHE A 26 9.73 -11.85 4.33
C PHE A 26 9.48 -10.38 3.96
N CYS A 27 8.39 -10.14 3.24
CA CYS A 27 8.02 -8.79 2.82
C CYS A 27 6.56 -8.78 2.42
N GLY A 28 5.98 -7.59 2.33
CA GLY A 28 4.60 -7.48 1.92
C GLY A 28 4.51 -6.92 0.51
N GLY A 29 3.28 -6.75 0.04
CA GLY A 29 3.04 -6.20 -1.27
C GLY A 29 1.59 -5.75 -1.28
N THR A 30 1.19 -4.99 -2.30
CA THR A 30 -0.19 -4.52 -2.41
C THR A 30 -0.78 -5.02 -3.72
N ILE A 31 -1.98 -5.60 -3.67
CA ILE A 31 -2.61 -6.08 -4.89
C ILE A 31 -3.13 -4.87 -5.67
N LEU A 32 -2.69 -4.72 -6.92
CA LEU A 32 -3.12 -3.60 -7.75
C LEU A 32 -4.17 -4.02 -8.78
N SER A 33 -4.10 -5.27 -9.21
CA SER A 33 -5.03 -5.82 -10.19
C SER A 33 -4.89 -7.33 -10.15
N GLU A 34 -5.63 -8.03 -11.01
CA GLU A 34 -5.53 -9.48 -10.99
C GLU A 34 -4.16 -10.02 -11.37
N PHE A 35 -3.35 -9.24 -12.09
CA PHE A 35 -2.01 -9.68 -12.49
C PHE A 35 -0.85 -8.91 -11.88
N TYR A 36 -1.12 -7.79 -11.21
CA TYR A 36 -0.04 -7.01 -10.63
C TYR A 36 0.02 -6.77 -9.14
N ILE A 37 1.25 -6.79 -8.63
CA ILE A 37 1.54 -6.58 -7.22
C ILE A 37 2.55 -5.45 -7.09
N LEU A 38 2.35 -4.57 -6.12
CA LEU A 38 3.24 -3.44 -5.87
C LEU A 38 4.06 -3.79 -4.63
N THR A 39 5.37 -3.58 -4.67
CA THR A 39 6.19 -3.89 -3.53
C THR A 39 7.42 -2.96 -3.50
N ALA A 40 8.34 -3.21 -2.57
CA ALA A 40 9.54 -2.40 -2.46
C ALA A 40 10.70 -3.06 -3.21
N ALA A 41 11.51 -2.25 -3.85
CA ALA A 41 12.66 -2.75 -4.60
C ALA A 41 13.66 -3.46 -3.69
N HIS A 42 13.87 -2.93 -2.48
CA HIS A 42 14.83 -3.55 -1.57
C HIS A 42 14.42 -4.96 -1.16
N CYS A 43 13.14 -5.28 -1.28
CA CYS A 43 12.66 -6.61 -0.91
C CYS A 43 13.16 -7.69 -1.87
N LEU A 44 13.53 -7.27 -3.08
CA LEU A 44 14.01 -8.20 -4.10
C LEU A 44 15.42 -8.71 -3.79
N TYR A 45 16.27 -7.82 -3.28
CA TYR A 45 17.64 -8.20 -2.95
C TYR A 45 17.63 -8.87 -1.57
N GLN A 46 16.47 -9.39 -1.18
CA GLN A 46 16.34 -10.05 0.11
C GLN A 46 15.90 -11.51 0.03
N ALA A 47 16.00 -12.10 -1.16
CA ALA A 47 15.60 -13.49 -1.34
C ALA A 47 15.90 -13.99 -2.75
N LYS A 48 16.38 -15.23 -2.84
CA LYS A 48 16.71 -15.85 -4.13
C LYS A 48 15.47 -15.83 -5.01
N ARG A 49 14.61 -16.83 -4.82
CA ARG A 49 13.38 -16.95 -5.59
C ARG A 49 12.22 -16.78 -4.62
N PHE A 50 11.09 -16.30 -5.10
CA PHE A 50 9.92 -16.12 -4.24
C PHE A 50 8.61 -16.16 -4.99
N LYS A 51 7.52 -16.36 -4.24
CA LYS A 51 6.18 -16.42 -4.80
C LYS A 51 5.34 -15.43 -4.01
N VAL A 52 4.09 -15.25 -4.42
CA VAL A 52 3.20 -14.31 -3.74
C VAL A 52 1.95 -14.99 -3.22
N ARG A 53 1.68 -14.81 -1.93
CA ARG A 53 0.51 -15.41 -1.32
C ARG A 53 -0.52 -14.31 -1.03
N VAL A 54 -1.76 -14.56 -1.41
CA VAL A 54 -2.83 -13.59 -1.19
C VAL A 54 -3.91 -14.30 -0.39
N GLY A 55 -4.75 -13.50 0.29
CA GLY A 55 -5.83 -14.08 1.07
C GLY A 55 -5.49 -14.63 2.44
N ASP A 56 -4.23 -14.54 2.85
CA ASP A 56 -3.85 -15.07 4.15
C ASP A 56 -3.98 -14.02 5.26
N ARG A 57 -4.28 -14.48 6.46
CA ARG A 57 -4.44 -13.62 7.62
C ARG A 57 -3.71 -14.23 8.80
N ASN A 58 -3.53 -15.55 8.72
CA ASN A 58 -2.85 -16.33 9.76
C ASN A 58 -1.93 -17.33 9.07
N THR A 59 -0.62 -17.09 9.15
CA THR A 59 0.36 -17.96 8.52
C THR A 59 0.49 -19.35 9.14
N GLU A 60 -0.26 -19.61 10.22
CA GLU A 60 -0.19 -20.91 10.87
C GLU A 60 -1.19 -21.89 10.24
N GLN A 61 -2.42 -21.89 10.76
CA GLN A 61 -3.46 -22.78 10.24
C GLN A 61 -3.88 -22.40 8.82
N GLU A 62 -4.39 -23.37 8.08
CA GLU A 62 -4.82 -23.16 6.70
C GLU A 62 -6.33 -22.89 6.61
N GLU A 63 -6.67 -21.64 6.34
CA GLU A 63 -8.07 -21.22 6.21
C GLU A 63 -8.73 -21.86 5.00
N GLY A 64 -8.02 -21.88 3.88
CA GLY A 64 -8.56 -22.44 2.67
C GLY A 64 -8.83 -21.34 1.67
N GLY A 65 -8.72 -20.09 2.15
CA GLY A 65 -8.95 -18.96 1.29
C GLY A 65 -7.65 -18.42 0.71
N GLU A 66 -6.53 -18.95 1.18
CA GLU A 66 -5.22 -18.52 0.71
C GLU A 66 -4.93 -19.04 -0.70
N ALA A 67 -4.09 -18.31 -1.43
CA ALA A 67 -3.73 -18.69 -2.79
C ALA A 67 -2.30 -18.21 -3.08
N VAL A 68 -1.52 -19.09 -3.70
CA VAL A 68 -0.13 -18.77 -4.05
C VAL A 68 0.01 -18.55 -5.54
N HIS A 69 0.75 -17.52 -5.90
CA HIS A 69 0.99 -17.18 -7.30
C HIS A 69 2.47 -17.03 -7.60
N GLU A 70 2.90 -17.59 -8.73
CA GLU A 70 4.30 -17.50 -9.10
C GLU A 70 4.48 -16.17 -9.83
N VAL A 71 5.69 -15.63 -9.78
CA VAL A 71 5.99 -14.37 -10.44
C VAL A 71 6.51 -14.59 -11.86
N GLU A 72 5.88 -13.92 -12.81
CA GLU A 72 6.28 -14.05 -14.20
C GLU A 72 7.33 -13.01 -14.59
N VAL A 73 7.12 -11.77 -14.16
CA VAL A 73 8.05 -10.69 -14.47
C VAL A 73 8.27 -9.80 -13.26
N VAL A 74 9.53 -9.48 -13.00
CA VAL A 74 9.89 -8.63 -11.87
C VAL A 74 10.36 -7.31 -12.47
N ILE A 75 9.68 -6.22 -12.12
CA ILE A 75 10.03 -4.91 -12.63
C ILE A 75 10.51 -4.04 -11.47
N LYS A 76 11.83 -3.96 -11.32
CA LYS A 76 12.43 -3.17 -10.26
C LYS A 76 12.89 -1.82 -10.79
N HIS A 77 12.64 -0.75 -10.05
CA HIS A 77 13.05 0.57 -10.52
C HIS A 77 14.58 0.58 -10.68
N ASN A 78 15.04 0.96 -11.86
CA ASN A 78 16.48 1.00 -12.13
C ASN A 78 17.29 1.99 -11.30
N ARG A 79 16.62 2.97 -10.70
CA ARG A 79 17.32 3.95 -9.88
C ARG A 79 17.46 3.57 -8.42
N PHE A 80 16.82 2.48 -7.99
CA PHE A 80 16.92 2.10 -6.59
C PHE A 80 18.37 1.81 -6.20
N THR A 81 18.79 2.39 -5.08
CA THR A 81 20.15 2.20 -4.59
C THR A 81 20.10 1.92 -3.08
N LYS A 82 20.80 0.87 -2.67
CA LYS A 82 20.86 0.49 -1.26
C LYS A 82 21.56 1.59 -0.47
N GLU A 83 22.28 2.45 -1.19
CA GLU A 83 23.01 3.56 -0.59
C GLU A 83 22.12 4.66 -0.05
N THR A 84 20.99 4.90 -0.69
CA THR A 84 20.08 5.95 -0.26
C THR A 84 18.65 5.46 -0.05
N TYR A 85 18.36 4.26 -0.54
CA TYR A 85 17.03 3.67 -0.44
C TYR A 85 16.00 4.50 -1.19
N ASP A 86 16.48 5.35 -2.09
CA ASP A 86 15.62 6.18 -2.88
C ASP A 86 15.06 5.29 -3.99
N PHE A 87 13.91 5.66 -4.55
CA PHE A 87 13.27 4.89 -5.62
C PHE A 87 12.99 3.46 -5.18
N ASP A 88 12.55 3.29 -3.93
CA ASP A 88 12.25 1.97 -3.40
C ASP A 88 10.90 1.47 -3.85
N ILE A 89 10.83 1.01 -5.09
CA ILE A 89 9.58 0.51 -5.66
C ILE A 89 9.81 -0.55 -6.72
N ALA A 90 8.88 -1.50 -6.78
CA ALA A 90 8.94 -2.59 -7.75
C ALA A 90 7.52 -3.06 -8.04
N VAL A 91 7.32 -3.61 -9.23
CA VAL A 91 6.02 -4.11 -9.64
C VAL A 91 6.22 -5.54 -10.11
N LEU A 92 5.33 -6.43 -9.70
CA LEU A 92 5.41 -7.83 -10.08
C LEU A 92 4.22 -8.24 -10.93
N ARG A 93 4.49 -8.93 -12.03
CA ARG A 93 3.45 -9.41 -12.93
C ARG A 93 3.35 -10.90 -12.57
N LEU A 94 2.16 -11.36 -12.23
CA LEU A 94 1.99 -12.77 -11.86
C LEU A 94 1.75 -13.66 -13.08
N LYS A 95 2.10 -14.94 -12.94
CA LYS A 95 1.92 -15.90 -14.04
C LYS A 95 0.44 -16.24 -14.24
N THR A 96 -0.31 -16.21 -13.15
CA THR A 96 -1.73 -16.51 -13.21
C THR A 96 -2.50 -15.40 -12.50
N PRO A 97 -3.71 -15.08 -12.98
CA PRO A 97 -4.49 -14.02 -12.35
C PRO A 97 -5.08 -14.36 -10.99
N ILE A 98 -5.11 -13.36 -10.13
CA ILE A 98 -5.64 -13.49 -8.78
C ILE A 98 -7.16 -13.54 -8.87
N THR A 99 -7.77 -14.40 -8.05
CA THR A 99 -9.22 -14.53 -8.04
C THR A 99 -9.68 -13.72 -6.84
N PHE A 100 -10.36 -12.60 -7.10
CA PHE A 100 -10.84 -11.78 -6.00
C PHE A 100 -11.92 -12.54 -5.25
N ARG A 101 -11.91 -12.41 -3.93
CA ARG A 101 -12.85 -13.08 -3.04
C ARG A 101 -12.70 -12.46 -1.65
N MET A 102 -13.30 -13.09 -0.66
CA MET A 102 -13.19 -12.56 0.70
C MET A 102 -11.68 -12.49 1.00
N ASN A 103 -11.23 -11.34 1.49
CA ASN A 103 -9.83 -11.11 1.83
C ASN A 103 -8.88 -10.98 0.65
N VAL A 104 -9.43 -10.87 -0.56
CA VAL A 104 -8.59 -10.74 -1.75
C VAL A 104 -9.23 -9.74 -2.72
N ALA A 105 -8.71 -8.53 -2.73
CA ALA A 105 -9.23 -7.48 -3.60
C ALA A 105 -8.16 -6.42 -3.77
N PRO A 106 -8.16 -5.74 -4.92
CA PRO A 106 -7.14 -4.71 -5.14
C PRO A 106 -7.40 -3.37 -4.45
N ALA A 107 -6.34 -2.62 -4.23
CA ALA A 107 -6.45 -1.30 -3.60
C ALA A 107 -6.51 -0.42 -4.85
N CYS A 108 -7.16 0.73 -4.76
CA CYS A 108 -7.24 1.59 -5.94
C CYS A 108 -6.01 2.46 -6.14
N LEU A 109 -5.65 2.68 -7.40
CA LEU A 109 -4.51 3.51 -7.74
C LEU A 109 -5.16 4.87 -8.00
N PRO A 110 -4.70 5.91 -7.32
CA PRO A 110 -5.31 7.23 -7.54
C PRO A 110 -4.61 8.03 -8.61
N GLU A 111 -5.19 9.18 -8.95
CA GLU A 111 -4.59 10.05 -9.95
C GLU A 111 -3.62 10.89 -9.13
N ARG A 112 -2.51 11.28 -9.74
CA ARG A 112 -1.51 12.09 -9.06
C ARG A 112 -1.92 13.37 -8.35
N ASP A 113 -2.41 14.35 -9.11
CA ASP A 113 -2.81 15.61 -8.51
C ASP A 113 -3.88 15.45 -7.43
N TRP A 114 -4.89 14.67 -7.72
CA TRP A 114 -5.96 14.45 -6.76
C TRP A 114 -5.44 13.79 -5.48
N ALA A 115 -4.57 12.80 -5.64
CA ALA A 115 -4.00 12.10 -4.50
C ALA A 115 -3.21 13.05 -3.61
N GLU A 116 -2.37 13.89 -4.21
CA GLU A 116 -1.58 14.82 -3.43
C GLU A 116 -2.42 15.88 -2.71
N SER A 117 -3.47 16.34 -3.37
CA SER A 117 -4.34 17.35 -2.78
C SER A 117 -5.42 16.83 -1.83
N THR A 118 -5.92 15.63 -2.08
CA THR A 118 -6.97 15.05 -1.24
C THR A 118 -6.64 13.88 -0.34
N LEU A 119 -5.69 13.05 -0.75
CA LEU A 119 -5.32 11.88 0.06
C LEU A 119 -4.19 12.13 1.04
N MET A 120 -3.07 12.65 0.54
CA MET A 120 -1.93 12.90 1.41
C MET A 120 -2.09 14.07 2.38
N THR A 121 -3.20 14.80 2.23
CA THR A 121 -3.48 15.93 3.10
C THR A 121 -4.44 15.45 4.19
N GLN A 122 -4.81 14.17 4.11
CA GLN A 122 -5.71 13.58 5.09
C GLN A 122 -4.91 13.50 6.38
N LYS A 123 -5.58 13.31 7.51
CA LYS A 123 -4.89 13.23 8.78
C LYS A 123 -4.08 11.95 8.93
N THR A 124 -4.65 10.84 8.48
CA THR A 124 -3.96 9.55 8.59
C THR A 124 -4.09 8.63 7.39
N GLY A 125 -3.25 7.60 7.42
CA GLY A 125 -3.24 6.55 6.42
C GLY A 125 -3.23 5.24 7.21
N ILE A 126 -3.27 4.12 6.51
CA ILE A 126 -3.27 2.81 7.18
C ILE A 126 -2.18 1.91 6.62
N VAL A 127 -1.36 1.37 7.49
CA VAL A 127 -0.27 0.48 7.09
C VAL A 127 -0.60 -0.92 7.60
N SER A 128 -0.23 -1.94 6.85
CA SER A 128 -0.52 -3.30 7.30
C SER A 128 0.59 -4.28 6.95
N GLY A 129 0.61 -5.41 7.64
CA GLY A 129 1.63 -6.40 7.35
C GLY A 129 1.78 -7.52 8.37
N PHE A 130 2.63 -8.48 8.03
CA PHE A 130 2.92 -9.65 8.85
C PHE A 130 4.28 -9.49 9.53
N GLY A 131 4.81 -8.27 9.51
CA GLY A 131 6.10 -8.00 10.10
C GLY A 131 6.21 -8.18 11.60
N ARG A 132 7.43 -8.01 12.10
CA ARG A 132 7.72 -8.14 13.51
C ARG A 132 6.84 -7.17 14.30
N THR A 133 6.44 -7.58 15.50
CA THR A 133 5.59 -6.74 16.33
C THR A 133 6.44 -5.95 17.32
N HIS A 134 7.75 -6.19 17.26
CA HIS A 134 8.71 -5.50 18.12
C HIS A 134 10.00 -5.39 17.34
N GLU A 135 10.75 -4.32 17.58
CA GLU A 135 12.01 -4.10 16.88
C GLU A 135 12.87 -5.37 16.86
N LYS A 136 13.03 -5.98 18.03
CA LYS A 136 13.83 -7.20 18.15
C LYS A 136 12.96 -8.45 18.15
N GLY A 137 11.64 -8.24 18.07
CA GLY A 137 10.72 -9.36 18.07
C GLY A 137 10.85 -10.30 16.88
N ARG A 138 9.79 -11.06 16.61
CA ARG A 138 9.77 -12.01 15.50
C ARG A 138 8.62 -11.74 14.54
N GLN A 139 8.73 -12.31 13.33
CA GLN A 139 7.72 -12.17 12.29
C GLN A 139 6.33 -12.49 12.84
N SER A 140 5.36 -11.62 12.59
CA SER A 140 4.00 -11.83 13.08
C SER A 140 3.29 -12.94 12.33
N THR A 141 2.52 -13.73 13.08
CA THR A 141 1.78 -14.83 12.50
C THR A 141 0.44 -14.33 11.95
N ARG A 142 -0.08 -13.26 12.55
CA ARG A 142 -1.35 -12.70 12.12
C ARG A 142 -1.17 -11.33 11.43
N LEU A 143 -1.95 -11.11 10.39
CA LEU A 143 -1.91 -9.86 9.64
C LEU A 143 -2.43 -8.74 10.53
N LYS A 144 -1.66 -7.67 10.65
CA LYS A 144 -2.05 -6.53 11.47
C LYS A 144 -2.11 -5.26 10.65
N MET A 145 -2.79 -4.26 11.18
CA MET A 145 -2.93 -2.96 10.53
C MET A 145 -2.75 -1.89 11.59
N LEU A 146 -2.37 -0.70 11.16
CA LEU A 146 -2.15 0.39 12.10
C LEU A 146 -2.45 1.73 11.43
N GLU A 147 -3.16 2.58 12.14
CA GLU A 147 -3.49 3.90 11.60
C GLU A 147 -2.27 4.76 11.92
N VAL A 148 -1.66 5.32 10.88
CA VAL A 148 -0.49 6.17 11.06
C VAL A 148 -0.71 7.58 10.53
N PRO A 149 -0.52 8.58 11.40
CA PRO A 149 -0.71 9.97 10.96
C PRO A 149 0.33 10.40 9.93
N TYR A 150 -0.06 11.28 9.02
CA TYR A 150 0.85 11.77 8.00
C TYR A 150 1.72 12.76 8.79
N VAL A 151 3.03 12.73 8.56
CA VAL A 151 3.92 13.64 9.27
C VAL A 151 4.45 14.78 8.40
N ASP A 152 4.50 15.97 8.98
CA ASP A 152 4.97 17.17 8.30
C ASP A 152 6.34 16.84 7.70
N ARG A 153 6.56 17.20 6.45
CA ARG A 153 7.84 16.91 5.80
C ARG A 153 9.06 17.51 6.49
N ASN A 154 8.97 18.78 6.89
CA ASN A 154 10.12 19.41 7.54
C ASN A 154 10.32 18.75 8.91
N SER A 155 9.21 18.40 9.54
CA SER A 155 9.24 17.76 10.85
C SER A 155 10.06 16.48 10.82
N CYS A 156 9.89 15.65 9.79
CA CYS A 156 10.66 14.42 9.77
C CYS A 156 12.01 14.48 9.10
N LYS A 157 12.28 15.54 8.34
CA LYS A 157 13.59 15.64 7.70
C LYS A 157 14.54 15.87 8.87
N LEU A 158 14.08 16.66 9.83
CA LEU A 158 14.87 16.98 11.02
C LEU A 158 15.02 15.74 11.92
N SER A 159 14.00 14.89 11.92
CA SER A 159 14.02 13.69 12.74
C SER A 159 14.82 12.54 12.17
N SER A 160 15.11 12.59 10.87
CA SER A 160 15.87 11.53 10.22
C SER A 160 17.39 11.73 10.14
N SER A 161 18.12 10.64 10.34
CA SER A 161 19.58 10.68 10.29
C SER A 161 20.00 10.57 8.82
N PHE A 162 19.06 10.18 7.97
CA PHE A 162 19.31 10.02 6.55
C PHE A 162 18.48 11.00 5.74
N ILE A 163 18.93 11.26 4.51
CA ILE A 163 18.23 12.17 3.62
C ILE A 163 16.85 11.67 3.18
N ILE A 164 15.83 12.49 3.40
CA ILE A 164 14.48 12.12 3.02
C ILE A 164 14.26 12.76 1.65
N THR A 165 14.19 11.93 0.61
CA THR A 165 14.00 12.44 -0.74
C THR A 165 12.54 12.73 -1.05
N GLN A 166 12.30 13.35 -2.21
CA GLN A 166 10.96 13.68 -2.62
C GLN A 166 10.17 12.44 -2.99
N ASN A 167 10.84 11.29 -3.05
CA ASN A 167 10.16 10.04 -3.39
C ASN A 167 9.75 9.31 -2.11
N MET A 168 9.96 9.98 -0.98
CA MET A 168 9.62 9.39 0.32
C MET A 168 8.74 10.34 1.13
N PHE A 169 8.04 9.78 2.11
CA PHE A 169 7.18 10.57 2.98
C PHE A 169 7.17 9.85 4.31
N CYS A 170 6.92 10.59 5.38
CA CYS A 170 6.90 9.99 6.70
C CYS A 170 5.51 9.86 7.28
N ALA A 171 5.31 8.83 8.08
CA ALA A 171 4.02 8.59 8.72
C ALA A 171 4.27 7.87 10.03
N GLY A 172 3.39 8.09 11.00
CA GLY A 172 3.55 7.43 12.28
C GLY A 172 3.46 8.39 13.44
N TYR A 173 4.08 8.00 14.55
CA TYR A 173 4.07 8.79 15.77
C TYR A 173 5.47 9.12 16.23
N ASP A 174 5.61 10.26 16.90
CA ASP A 174 6.91 10.69 17.39
C ASP A 174 7.32 9.84 18.59
N THR A 175 6.47 9.80 19.61
CA THR A 175 6.75 9.01 20.81
C THR A 175 5.89 7.77 21.01
N LYS A 176 4.64 7.81 20.55
CA LYS A 176 3.76 6.65 20.71
C LYS A 176 4.42 5.40 20.13
N GLN A 177 4.36 4.31 20.87
CA GLN A 177 4.95 3.04 20.45
C GLN A 177 4.21 2.20 19.42
N GLU A 178 3.90 2.81 18.27
CA GLU A 178 3.21 2.12 17.18
C GLU A 178 3.93 2.49 15.90
N ASP A 179 4.20 1.51 15.05
CA ASP A 179 4.90 1.77 13.81
C ASP A 179 4.99 0.48 12.99
N ALA A 180 5.43 0.57 11.75
CA ALA A 180 5.56 -0.61 10.93
C ALA A 180 6.94 -1.11 11.35
N CYS A 181 7.37 -2.22 10.80
CA CYS A 181 8.68 -2.73 11.18
C CYS A 181 9.20 -3.72 10.13
N GLN A 182 10.37 -4.28 10.37
CA GLN A 182 10.96 -5.23 9.44
C GLN A 182 9.96 -6.36 9.19
N GLY A 183 9.79 -6.74 7.94
CA GLY A 183 8.84 -7.79 7.62
C GLY A 183 7.61 -7.17 6.99
N ASP A 184 7.35 -5.90 7.32
CA ASP A 184 6.21 -5.19 6.74
C ASP A 184 6.62 -4.51 5.44
N SER A 185 7.93 -4.35 5.25
CA SER A 185 8.47 -3.70 4.05
C SER A 185 7.84 -4.23 2.76
N GLY A 186 7.60 -3.30 1.84
CA GLY A 186 7.01 -3.64 0.56
C GLY A 186 5.49 -3.64 0.62
N GLY A 187 4.97 -3.68 1.85
CA GLY A 187 3.54 -3.71 2.06
C GLY A 187 2.78 -2.44 1.78
N PRO A 188 1.45 -2.48 1.96
CA PRO A 188 0.61 -1.32 1.71
C PRO A 188 0.43 -0.25 2.76
N HIS A 189 0.30 0.97 2.26
CA HIS A 189 0.07 2.16 3.05
C HIS A 189 -1.07 2.66 2.18
N VAL A 190 -2.27 2.68 2.74
CA VAL A 190 -3.44 3.13 2.00
C VAL A 190 -4.13 4.25 2.75
N THR A 191 -4.87 5.06 2.01
CA THR A 191 -5.59 6.18 2.59
C THR A 191 -7.05 6.02 2.22
N ARG A 192 -7.90 6.12 3.24
CA ARG A 192 -9.33 6.00 3.08
C ARG A 192 -9.98 7.33 2.72
N PHE A 193 -10.86 7.30 1.75
CA PHE A 193 -11.57 8.49 1.31
C PHE A 193 -12.97 8.04 0.93
N LYS A 194 -13.97 8.49 1.69
CA LYS A 194 -15.36 8.12 1.43
C LYS A 194 -15.55 6.61 1.30
N ASP A 195 -15.03 5.87 2.27
CA ASP A 195 -15.12 4.41 2.31
C ASP A 195 -14.38 3.64 1.22
N THR A 196 -13.46 4.30 0.52
CA THR A 196 -12.70 3.65 -0.53
C THR A 196 -11.22 3.86 -0.24
N TYR A 197 -10.46 2.78 -0.29
CA TYR A 197 -9.03 2.83 0.00
C TYR A 197 -8.12 2.90 -1.23
N PHE A 198 -7.27 3.91 -1.25
CA PHE A 198 -6.32 4.14 -2.33
C PHE A 198 -4.91 3.89 -1.86
N VAL A 199 -4.10 3.23 -2.67
CA VAL A 199 -2.73 2.97 -2.25
C VAL A 199 -1.97 4.29 -2.37
N THR A 200 -1.36 4.68 -1.26
CA THR A 200 -0.59 5.92 -1.20
C THR A 200 0.87 5.75 -0.87
N GLY A 201 1.25 4.59 -0.32
CA GLY A 201 2.64 4.39 -0.01
C GLY A 201 3.06 2.93 0.02
N ILE A 202 4.37 2.73 0.00
CA ILE A 202 4.94 1.39 0.09
C ILE A 202 5.82 1.41 1.34
N VAL A 203 5.61 0.46 2.25
CA VAL A 203 6.42 0.41 3.47
C VAL A 203 7.87 0.32 3.00
N SER A 204 8.70 1.28 3.37
CA SER A 204 10.10 1.25 2.94
C SER A 204 11.17 1.05 4.01
N TRP A 205 11.32 2.01 4.92
CA TRP A 205 12.34 1.88 5.96
C TRP A 205 12.10 2.76 7.19
N GLY A 206 13.02 2.63 8.14
CA GLY A 206 12.95 3.41 9.37
C GLY A 206 14.16 3.08 10.21
N GLU A 207 14.52 3.95 11.13
CA GLU A 207 15.65 3.72 12.01
C GLU A 207 15.10 2.98 13.23
N GLY A 208 15.15 1.66 13.17
CA GLY A 208 14.62 0.85 14.27
C GLY A 208 13.12 0.79 14.11
N CYS A 209 12.38 0.52 15.16
CA CYS A 209 10.93 0.48 15.02
C CYS A 209 10.23 1.13 16.19
N ALA A 210 9.31 2.04 15.87
CA ALA A 210 8.55 2.75 16.90
C ALA A 210 9.47 3.48 17.87
N ARG A 211 10.65 3.89 17.41
CA ARG A 211 11.59 4.59 18.26
C ARG A 211 11.23 6.06 18.42
N LYS A 212 11.43 6.60 19.61
CA LYS A 212 11.12 7.99 19.89
C LYS A 212 11.88 8.94 18.98
N GLY A 213 11.18 9.96 18.51
CA GLY A 213 11.80 10.93 17.63
C GLY A 213 12.05 10.42 16.22
N LYS A 214 11.52 9.24 15.91
CA LYS A 214 11.69 8.66 14.58
C LYS A 214 10.34 8.24 14.01
N TYR A 215 10.23 8.29 12.68
CA TYR A 215 9.00 7.93 11.99
C TYR A 215 9.23 6.81 10.99
N GLY A 216 8.13 6.29 10.44
CA GLY A 216 8.23 5.26 9.42
C GLY A 216 8.39 5.98 8.09
N ILE A 217 9.25 5.44 7.22
CA ILE A 217 9.49 6.06 5.92
C ILE A 217 8.85 5.19 4.85
N TYR A 218 8.05 5.84 3.99
CA TYR A 218 7.35 5.15 2.92
C TYR A 218 7.65 5.71 1.55
N THR A 219 7.57 4.87 0.53
CA THR A 219 7.81 5.32 -0.83
C THR A 219 6.51 6.04 -1.21
N LYS A 220 6.64 7.24 -1.75
CA LYS A 220 5.48 8.05 -2.15
C LYS A 220 4.96 7.54 -3.49
N VAL A 221 3.86 6.82 -3.47
CA VAL A 221 3.28 6.27 -4.68
C VAL A 221 2.96 7.33 -5.75
N THR A 222 2.49 8.50 -5.35
CA THR A 222 2.17 9.54 -6.31
C THR A 222 3.36 9.94 -7.16
N ALA A 223 4.56 9.78 -6.61
CA ALA A 223 5.77 10.14 -7.36
C ALA A 223 6.09 9.11 -8.45
N PHE A 224 5.39 7.97 -8.43
CA PHE A 224 5.63 6.92 -9.42
C PHE A 224 4.41 6.43 -10.17
N LEU A 225 3.32 7.19 -10.17
CA LEU A 225 2.12 6.77 -10.87
C LEU A 225 2.33 6.47 -12.36
N LYS A 226 3.10 7.31 -13.04
CA LYS A 226 3.36 7.09 -14.46
C LYS A 226 4.23 5.85 -14.65
N TRP A 227 5.19 5.67 -13.76
CA TRP A 227 6.09 4.53 -13.80
C TRP A 227 5.29 3.25 -13.57
N ILE A 228 4.34 3.30 -12.64
CA ILE A 228 3.51 2.13 -12.33
C ILE A 228 2.63 1.78 -13.54
N ASP A 229 2.01 2.79 -14.14
CA ASP A 229 1.14 2.58 -15.29
C ASP A 229 1.93 1.95 -16.44
N ARG A 230 3.16 2.40 -16.63
CA ARG A 230 3.99 1.86 -17.70
C ARG A 230 4.39 0.43 -17.40
N SER A 231 4.66 0.13 -16.14
CA SER A 231 5.07 -1.21 -15.72
C SER A 231 3.92 -2.22 -15.84
N MET A 232 2.69 -1.74 -15.70
CA MET A 232 1.51 -2.58 -15.77
C MET A 232 1.03 -2.89 -17.19
N LYS A 233 1.70 -2.34 -18.19
CA LYS A 233 1.34 -2.57 -19.58
C LYS A 233 2.41 -3.43 -20.22
N THR A 234 3.53 -3.56 -19.53
CA THR A 234 4.65 -4.34 -20.01
C THR A 234 5.33 -5.04 -18.84
N CYS B 2 -13.25 21.91 -6.70
CA CYS B 2 -12.85 20.64 -6.04
C CYS B 2 -12.36 20.84 -4.62
N SER B 3 -12.18 22.10 -4.24
CA SER B 3 -11.72 22.46 -2.90
C SER B 3 -12.83 22.38 -1.86
N LEU B 4 -14.07 22.38 -2.33
CA LEU B 4 -15.22 22.31 -1.43
C LEU B 4 -15.75 20.87 -1.41
N ASP B 5 -15.47 20.15 -0.32
CA ASP B 5 -15.90 18.78 -0.15
C ASP B 5 -15.66 17.91 -1.40
N ASN B 6 -14.46 18.02 -1.96
CA ASN B 6 -14.09 17.26 -3.14
C ASN B 6 -15.07 17.41 -4.31
N GLY B 7 -15.68 18.59 -4.42
CA GLY B 7 -16.64 18.84 -5.48
C GLY B 7 -17.86 17.93 -5.44
N ASP B 8 -18.07 17.32 -4.27
CA ASP B 8 -19.17 16.39 -4.04
C ASP B 8 -18.95 15.09 -4.83
N CYS B 9 -17.72 14.89 -5.30
CA CYS B 9 -17.36 13.70 -6.06
C CYS B 9 -17.05 12.53 -5.12
N ASP B 10 -17.34 11.31 -5.58
CA ASP B 10 -17.07 10.11 -4.80
C ASP B 10 -15.57 9.89 -4.78
N GLN B 11 -14.93 10.05 -5.93
CA GLN B 11 -13.50 9.85 -6.04
C GLN B 11 -12.72 11.03 -6.66
N PHE B 12 -12.21 10.85 -7.88
CA PHE B 12 -11.46 11.93 -8.52
C PHE B 12 -12.26 13.16 -8.87
N CYS B 13 -11.65 14.33 -8.69
CA CYS B 13 -12.29 15.61 -8.97
C CYS B 13 -11.30 16.51 -9.71
N HIS B 14 -11.76 17.12 -10.79
CA HIS B 14 -10.96 18.02 -11.61
C HIS B 14 -11.77 19.29 -11.81
N GLU B 15 -11.07 20.43 -11.92
CA GLU B 15 -11.72 21.71 -12.12
C GLU B 15 -11.50 22.23 -13.53
N GLU B 16 -12.14 21.58 -14.50
CA GLU B 16 -12.02 21.95 -15.90
C GLU B 16 -12.93 23.12 -16.26
N GLN B 17 -12.34 24.15 -16.85
CA GLN B 17 -13.10 25.34 -17.25
C GLN B 17 -13.84 25.92 -16.05
N ASN B 18 -13.16 25.91 -14.91
CA ASN B 18 -13.75 26.43 -13.68
C ASN B 18 -15.07 25.73 -13.38
N SER B 19 -15.09 24.42 -13.60
CA SER B 19 -16.28 23.61 -13.37
C SER B 19 -15.84 22.23 -12.87
N VAL B 20 -16.55 21.69 -11.88
CA VAL B 20 -16.22 20.39 -11.33
C VAL B 20 -16.58 19.25 -12.27
N VAL B 21 -15.63 18.34 -12.46
CA VAL B 21 -15.80 17.19 -13.32
C VAL B 21 -15.31 15.99 -12.51
N CYS B 22 -16.23 15.11 -12.15
CA CYS B 22 -15.87 13.93 -11.38
C CYS B 22 -15.50 12.74 -12.26
N SER B 23 -14.68 11.83 -11.72
CA SER B 23 -14.27 10.64 -12.44
C SER B 23 -13.98 9.54 -11.43
N CYS B 24 -13.82 8.31 -11.91
CA CYS B 24 -13.57 7.18 -11.02
C CYS B 24 -12.39 6.30 -11.39
N ALA B 25 -12.00 5.46 -10.44
CA ALA B 25 -10.88 4.55 -10.64
C ALA B 25 -11.35 3.40 -11.54
N ARG B 26 -10.40 2.63 -12.06
CA ARG B 26 -10.74 1.51 -12.93
C ARG B 26 -11.66 0.54 -12.19
N GLY B 27 -12.66 0.01 -12.89
CA GLY B 27 -13.57 -0.92 -12.24
C GLY B 27 -14.84 -0.24 -11.74
N TYR B 28 -14.91 1.08 -11.91
CA TYR B 28 -16.07 1.87 -11.52
C TYR B 28 -16.54 2.70 -12.70
N THR B 29 -17.84 2.99 -12.72
CA THR B 29 -18.40 3.80 -13.80
C THR B 29 -19.03 5.00 -13.10
N LEU B 30 -18.97 6.16 -13.73
CA LEU B 30 -19.55 7.36 -13.13
C LEU B 30 -21.07 7.26 -13.21
N ALA B 31 -21.73 7.53 -12.10
CA ALA B 31 -23.18 7.48 -12.02
C ALA B 31 -23.83 8.55 -12.88
N ASP B 32 -25.14 8.43 -13.06
CA ASP B 32 -25.91 9.38 -13.85
C ASP B 32 -25.81 10.80 -13.31
N ASN B 33 -25.66 10.93 -12.00
CA ASN B 33 -25.56 12.27 -11.41
C ASN B 33 -24.18 12.91 -11.61
N GLY B 34 -23.30 12.17 -12.28
CA GLY B 34 -21.96 12.64 -12.57
C GLY B 34 -21.08 12.85 -11.35
N LYS B 35 -21.43 12.23 -10.23
CA LYS B 35 -20.67 12.38 -9.00
C LYS B 35 -20.31 11.06 -8.32
N ALA B 36 -21.28 10.17 -8.21
CA ALA B 36 -21.03 8.88 -7.58
C ALA B 36 -20.31 7.90 -8.47
N CYS B 37 -19.59 6.96 -7.86
CA CYS B 37 -18.84 5.94 -8.59
C CYS B 37 -19.47 4.59 -8.29
N ILE B 38 -19.96 3.94 -9.34
CA ILE B 38 -20.60 2.64 -9.19
C ILE B 38 -19.71 1.47 -9.61
N PRO B 39 -19.50 0.48 -8.72
CA PRO B 39 -18.68 -0.69 -9.03
C PRO B 39 -19.23 -1.33 -10.29
N THR B 40 -18.35 -1.66 -11.23
CA THR B 40 -18.78 -2.28 -12.47
C THR B 40 -18.99 -3.77 -12.28
N GLY B 41 -18.59 -4.27 -11.11
CA GLY B 41 -18.77 -5.67 -10.85
C GLY B 41 -18.32 -6.12 -9.48
N PRO B 42 -17.98 -7.41 -9.36
CA PRO B 42 -17.53 -7.97 -8.09
C PRO B 42 -16.12 -7.55 -7.71
N TYR B 43 -15.94 -7.31 -6.42
CA TYR B 43 -14.69 -6.90 -5.81
C TYR B 43 -14.00 -5.68 -6.39
N PRO B 44 -14.69 -4.53 -6.34
CA PRO B 44 -14.14 -3.27 -6.84
C PRO B 44 -12.94 -2.88 -6.00
N CYS B 45 -11.98 -2.17 -6.60
CA CYS B 45 -10.81 -1.77 -5.85
C CYS B 45 -11.14 -0.87 -4.66
N GLY B 46 -10.29 -0.94 -3.65
CA GLY B 46 -10.46 -0.10 -2.48
C GLY B 46 -11.61 -0.39 -1.55
N LYS B 47 -12.32 -1.49 -1.76
CA LYS B 47 -13.43 -1.83 -0.88
C LYS B 47 -13.13 -3.05 -0.02
N GLN B 48 -13.37 -2.93 1.28
CA GLN B 48 -13.12 -4.06 2.17
C GLN B 48 -14.16 -5.11 1.75
N THR B 49 -13.80 -6.39 1.85
CA THR B 49 -14.73 -7.44 1.46
C THR B 49 -15.64 -7.95 2.56
N LEU B 50 -16.90 -8.18 2.20
CA LEU B 50 -17.89 -8.67 3.15
C LEU B 50 -18.19 -10.14 2.90
N GLU B 51 -18.06 -10.56 1.64
CA GLU B 51 -18.31 -11.94 1.26
C GLU B 51 -17.49 -12.34 0.03
CA CA C . -3.73 -19.08 6.88
CA CA D . 8.53 7.28 16.74
N1 237 E . 16.37 0.04 8.40
N3 237 E . 12.11 -1.03 9.88
C4 237 E . 9.58 0.39 7.55
C5 237 E . 8.92 1.26 8.41
C6 237 E . 9.26 1.40 9.78
C7 237 E . 10.32 0.61 10.24
C8 237 E . 16.03 -1.72 11.65
C10 237 E . 15.58 -2.15 9.29
C13 237 E . 18.74 3.98 5.07
C15 237 E . 18.32 5.96 3.64
C17 237 E . 20.55 5.05 3.84
C20 237 E . 22.98 3.40 4.95
C22 237 E . 16.90 0.90 6.17
C24 237 E . 17.58 2.10 8.14
C26 237 E . 18.15 3.00 5.92
C1 237 E . 16.43 -1.30 8.28
O1 237 E . 17.07 -1.89 7.42
C2 237 E . 11.04 -0.29 9.40
C3 237 E . 10.63 -0.36 8.05
C9 237 E . 16.42 -2.65 10.50
N2 237 E . 14.43 -1.51 9.97
C11 237 E . 14.55 -1.53 11.43
C12 237 E . 13.31 -1.20 9.23
O2 237 E . 13.41 -1.10 8.02
CL1 237 E . 7.63 2.20 7.76
O3 237 E . 16.63 -0.43 11.49
C14 237 E . 17.89 4.94 4.51
C16 237 E . 19.68 6.01 3.31
C18 237 E . 20.11 4.04 4.72
S1 237 E . 21.32 2.88 5.34
C19 237 E . 17.97 -0.28 11.93
O4 237 E . 21.13 1.66 4.62
O5 237 E . 21.28 2.85 6.78
C23 237 E . 16.94 0.99 7.58
C25 237 E . 18.17 3.09 7.34
C27 237 E . 17.51 1.87 5.36
F1 237 E . 17.67 2.26 9.47
#